data_6CJI
#
_entry.id   6CJI
#
_cell.length_a   73.856
_cell.length_b   73.856
_cell.length_c   107.268
_cell.angle_alpha   90.000
_cell.angle_beta   90.000
_cell.angle_gamma   90.000
#
_symmetry.space_group_name_H-M   'P 43 2 2'
#
loop_
_entity.id
_entity.type
_entity.pdbx_description
1 polymer 'Heat shock protein 90 homolog'
2 non-polymer 1,2-ETHANEDIOL
3 water water
#
_entity_poly.entity_id   1
_entity_poly.type   'polypeptide(L)'
_entity_poly.pdbx_seq_one_letter_code
;MHHHHHHSSGRENLYFQGETHEFTAEISQLMSLIINTVYSNKEIFLRELISNASDALDKIRYQALSDPSQLESEPELFIR
IIPQKDQKVLEIRDSGIGMTKADLVNNLGTIAKSGTKSFMEALSAGADVSMIGQFGVGFYSLFLVADHVQVISKHNDDEQ
YVWESNAGGKFTVTLDETNERLGRGTMLRLFLKEDQLEYLEEKRIKEVVKKHSEFVAYPIQLVVTKEVEK
;
_entity_poly.pdbx_strand_id   A
#
loop_
_chem_comp.id
_chem_comp.type
_chem_comp.name
_chem_comp.formula
EDO non-polymer 1,2-ETHANEDIOL 'C2 H6 O2'
#
# COMPACT_ATOMS: atom_id res chain seq x y z
N GLN A 17 -20.38 -9.22 4.54
CA GLN A 17 -20.25 -8.93 5.97
C GLN A 17 -19.14 -7.91 6.23
N GLY A 18 -19.46 -6.63 6.11
CA GLY A 18 -18.48 -5.59 6.34
C GLY A 18 -18.32 -5.15 7.78
N GLU A 19 -17.10 -5.28 8.31
CA GLU A 19 -16.76 -4.78 9.64
C GLU A 19 -16.21 -3.37 9.53
N THR A 20 -16.75 -2.44 10.30
CA THR A 20 -16.29 -1.06 10.28
C THR A 20 -15.54 -0.78 11.57
N HIS A 21 -14.39 -0.13 11.46
CA HIS A 21 -13.54 0.18 12.58
C HIS A 21 -13.10 1.64 12.47
N GLU A 22 -12.59 2.17 13.58
CA GLU A 22 -12.12 3.53 13.64
C GLU A 22 -10.60 3.58 13.65
N PHE A 23 -10.03 4.52 12.90
CA PHE A 23 -8.61 4.79 12.97
C PHE A 23 -8.25 5.36 14.34
N THR A 24 -7.07 5.03 14.81
CA THR A 24 -6.48 5.81 15.88
C THR A 24 -6.52 7.28 15.45
N ALA A 25 -6.86 8.16 16.39
CA ALA A 25 -7.13 9.55 16.03
C ALA A 25 -5.96 10.18 15.30
N GLU A 26 -4.74 9.89 15.75
CA GLU A 26 -3.55 10.53 15.19
C GLU A 26 -3.33 10.10 13.74
N ILE A 27 -3.73 8.88 13.40
CA ILE A 27 -3.57 8.41 12.02
C ILE A 27 -4.54 9.14 11.11
N SER A 28 -5.80 9.26 11.55
CA SER A 28 -6.77 10.08 10.85
CA SER A 28 -6.77 10.08 10.84
C SER A 28 -6.26 11.50 10.66
N GLN A 29 -5.64 12.06 11.69
CA GLN A 29 -5.09 13.41 11.56
CA GLN A 29 -5.04 13.39 11.60
C GLN A 29 -4.02 13.46 10.48
N LEU A 30 -3.11 12.49 10.45
CA LEU A 30 -2.06 12.48 9.44
C LEU A 30 -2.62 12.26 8.05
N MET A 31 -3.62 11.38 7.91
CA MET A 31 -4.22 11.17 6.60
C MET A 31 -4.79 12.46 6.04
N SER A 32 -5.45 13.24 6.90
CA SER A 32 -6.02 14.51 6.45
CA SER A 32 -6.02 14.50 6.44
C SER A 32 -4.93 15.46 5.99
N LEU A 33 -3.85 15.55 6.73
CA LEU A 33 -2.73 16.40 6.33
CA LEU A 33 -2.74 16.40 6.32
C LEU A 33 -2.17 15.96 4.98
N ILE A 34 -1.98 14.65 4.80
CA ILE A 34 -1.36 14.15 3.57
C ILE A 34 -2.29 14.32 2.37
N ILE A 35 -3.59 14.03 2.53
CA ILE A 35 -4.43 14.05 1.34
C ILE A 35 -4.66 15.48 0.90
N ASN A 36 -4.50 16.44 1.80
CA ASN A 36 -4.72 17.85 1.50
C ASN A 36 -3.44 18.62 1.18
N THR A 37 -2.26 18.08 1.43
CA THR A 37 -1.05 18.88 1.27
C THR A 37 -0.80 19.16 -0.20
N VAL A 38 -0.20 20.33 -0.46
CA VAL A 38 0.20 20.70 -1.82
C VAL A 38 1.69 20.42 -2.07
N TYR A 39 2.33 19.65 -1.19
CA TYR A 39 3.68 19.14 -1.42
C TYR A 39 3.88 18.73 -2.87
N SER A 40 5.02 19.13 -3.44
CA SER A 40 5.24 19.15 -4.89
CA SER A 40 5.18 19.12 -4.89
C SER A 40 5.98 17.93 -5.43
N ASN A 41 6.44 17.03 -4.57
CA ASN A 41 7.24 15.90 -4.98
CA ASN A 41 7.25 15.89 -4.99
C ASN A 41 6.49 14.62 -4.67
N LYS A 42 5.24 14.53 -5.15
CA LYS A 42 4.35 13.45 -4.75
C LYS A 42 4.81 12.07 -5.23
N GLU A 43 5.73 12.01 -6.19
CA GLU A 43 6.14 10.71 -6.74
C GLU A 43 6.80 9.83 -5.70
N ILE A 44 7.26 10.40 -4.58
CA ILE A 44 7.88 9.57 -3.56
C ILE A 44 6.90 8.56 -2.96
N PHE A 45 5.60 8.71 -3.18
CA PHE A 45 4.66 7.68 -2.71
C PHE A 45 5.11 6.32 -3.23
N LEU A 46 5.54 6.26 -4.48
CA LEU A 46 5.82 4.94 -5.06
C LEU A 46 7.05 4.33 -4.43
N ARG A 47 8.07 5.16 -4.15
CA ARG A 47 9.23 4.69 -3.40
C ARG A 47 8.82 4.10 -2.07
N GLU A 48 7.91 4.76 -1.36
CA GLU A 48 7.52 4.30 -0.04
C GLU A 48 6.76 3.00 -0.13
N LEU A 49 5.88 2.86 -1.14
CA LEU A 49 5.09 1.63 -1.23
C LEU A 49 5.95 0.45 -1.71
N ILE A 50 6.91 0.71 -2.60
CA ILE A 50 7.85 -0.34 -3.00
C ILE A 50 8.71 -0.77 -1.82
N SER A 51 9.13 0.20 -1.00
CA SER A 51 9.89 -0.12 0.20
C SER A 51 9.07 -0.99 1.15
N ASN A 52 7.79 -0.65 1.35
CA ASN A 52 6.98 -1.50 2.23
C ASN A 52 6.77 -2.89 1.65
N ALA A 53 6.62 -2.98 0.32
CA ALA A 53 6.50 -4.27 -0.34
C ALA A 53 7.77 -5.10 -0.12
N SER A 54 8.92 -4.47 -0.28
CA SER A 54 10.20 -5.14 -0.06
C SER A 54 10.31 -5.66 1.37
N ASP A 55 9.90 -4.85 2.34
CA ASP A 55 9.91 -5.31 3.73
C ASP A 55 9.04 -6.53 3.93
N ALA A 56 7.86 -6.55 3.32
CA ALA A 56 6.97 -7.70 3.46
C ALA A 56 7.60 -8.93 2.84
N LEU A 57 8.32 -8.74 1.74
CA LEU A 57 9.01 -9.84 1.08
C LEU A 57 10.17 -10.32 1.95
N ASP A 58 10.85 -9.40 2.63
CA ASP A 58 11.91 -9.83 3.53
C ASP A 58 11.36 -10.75 4.62
N LYS A 59 10.15 -10.46 5.11
CA LYS A 59 9.59 -11.24 6.21
CA LYS A 59 9.58 -11.23 6.21
C LYS A 59 9.25 -12.65 5.78
N ILE A 60 8.64 -12.83 4.60
CA ILE A 60 8.38 -14.19 4.17
C ILE A 60 9.69 -14.91 3.83
N ARG A 61 10.68 -14.19 3.29
CA ARG A 61 11.96 -14.84 3.01
C ARG A 61 12.60 -15.34 4.30
N TYR A 62 12.51 -14.52 5.37
CA TYR A 62 13.03 -14.93 6.67
C TYR A 62 12.34 -16.21 7.15
N GLN A 63 11.00 -16.24 7.04
CA GLN A 63 10.29 -17.42 7.49
C GLN A 63 10.60 -18.61 6.62
N ALA A 64 10.80 -18.38 5.32
CA ALA A 64 11.08 -19.44 4.38
C ALA A 64 12.48 -20.02 4.55
N LEU A 65 13.42 -19.25 5.12
CA LEU A 65 14.73 -19.83 5.39
C LEU A 65 14.63 -20.95 6.39
N SER A 66 13.80 -20.77 7.42
CA SER A 66 13.50 -21.85 8.36
C SER A 66 12.63 -22.92 7.69
N ASP A 67 11.49 -22.51 7.13
CA ASP A 67 10.47 -23.43 6.64
C ASP A 67 10.17 -23.10 5.18
N PRO A 68 10.87 -23.73 4.24
CA PRO A 68 10.67 -23.44 2.82
C PRO A 68 9.24 -23.64 2.34
N SER A 69 8.43 -24.44 3.06
CA SER A 69 7.07 -24.67 2.61
C SER A 69 6.20 -23.41 2.70
N GLN A 70 6.65 -22.42 3.47
CA GLN A 70 5.88 -21.18 3.53
C GLN A 70 5.79 -20.50 2.18
N LEU A 71 6.66 -20.83 1.25
CA LEU A 71 6.63 -20.23 -0.08
C LEU A 71 5.66 -20.92 -1.02
N GLU A 72 5.15 -22.10 -0.64
CA GLU A 72 4.35 -22.89 -1.58
C GLU A 72 3.06 -22.19 -1.99
N SER A 73 2.57 -21.27 -1.18
CA SER A 73 1.35 -20.53 -1.54
C SER A 73 1.55 -19.57 -2.69
N GLU A 74 2.79 -19.21 -2.99
CA GLU A 74 3.20 -18.35 -4.09
CA GLU A 74 3.20 -18.39 -4.12
C GLU A 74 4.72 -18.42 -4.19
N PRO A 75 5.27 -19.33 -5.01
CA PRO A 75 6.71 -19.57 -4.95
C PRO A 75 7.56 -18.39 -5.35
N GLU A 76 7.05 -17.46 -6.14
CA GLU A 76 7.85 -16.38 -6.68
C GLU A 76 7.78 -15.15 -5.77
N LEU A 77 8.93 -14.50 -5.61
CA LEU A 77 9.06 -13.28 -4.80
C LEU A 77 9.19 -12.08 -5.74
N PHE A 78 8.17 -11.21 -5.73
CA PHE A 78 8.12 -10.13 -6.69
C PHE A 78 7.34 -8.94 -6.14
N ILE A 79 7.58 -7.80 -6.78
CA ILE A 79 6.79 -6.60 -6.67
C ILE A 79 6.26 -6.30 -8.07
N ARG A 80 4.96 -6.03 -8.17
CA ARG A 80 4.35 -5.92 -9.49
C ARG A 80 3.47 -4.67 -9.50
N ILE A 81 3.65 -3.82 -10.49
CA ILE A 81 2.92 -2.57 -10.60
C ILE A 81 1.97 -2.73 -11.78
N ILE A 82 0.68 -2.54 -11.54
CA ILE A 82 -0.36 -2.80 -12.55
C ILE A 82 -1.23 -1.56 -12.73
N PRO A 83 -0.96 -0.72 -13.72
CA PRO A 83 -1.87 0.39 -13.96
C PRO A 83 -3.16 -0.13 -14.58
N GLN A 84 -4.28 0.43 -14.11
CA GLN A 84 -5.63 0.12 -14.59
CA GLN A 84 -5.61 0.11 -14.61
C GLN A 84 -6.19 1.42 -15.14
N LYS A 85 -5.84 1.74 -16.38
CA LYS A 85 -6.10 3.08 -16.91
C LYS A 85 -7.58 3.40 -16.93
N ASP A 86 -8.40 2.46 -17.39
CA ASP A 86 -9.83 2.76 -17.51
C ASP A 86 -10.48 2.99 -16.15
N GLN A 87 -9.98 2.31 -15.11
CA GLN A 87 -10.47 2.48 -13.75
CA GLN A 87 -10.49 2.49 -13.76
C GLN A 87 -9.85 3.66 -13.01
N LYS A 88 -8.80 4.27 -13.57
CA LYS A 88 -8.01 5.31 -12.90
C LYS A 88 -7.50 4.77 -11.57
N VAL A 89 -7.00 3.53 -11.62
CA VAL A 89 -6.48 2.82 -10.44
C VAL A 89 -5.06 2.38 -10.74
N LEU A 90 -4.17 2.55 -9.77
CA LEU A 90 -2.82 1.99 -9.82
C LEU A 90 -2.73 0.92 -8.74
N GLU A 91 -2.41 -0.31 -9.14
CA GLU A 91 -2.26 -1.42 -8.21
C GLU A 91 -0.77 -1.70 -7.98
N ILE A 92 -0.42 -1.95 -6.72
CA ILE A 92 0.94 -2.30 -6.34
C ILE A 92 0.87 -3.59 -5.54
N ARG A 93 1.33 -4.68 -6.15
CA ARG A 93 1.21 -6.03 -5.61
CA ARG A 93 1.21 -6.03 -5.61
C ARG A 93 2.57 -6.55 -5.19
N ASP A 94 2.61 -7.27 -4.07
CA ASP A 94 3.80 -8.01 -3.69
C ASP A 94 3.39 -9.40 -3.24
N SER A 95 4.35 -10.33 -3.30
CA SER A 95 4.13 -11.68 -2.77
C SER A 95 4.85 -11.86 -1.44
N GLY A 96 4.83 -10.82 -0.61
CA GLY A 96 5.39 -10.88 0.73
C GLY A 96 4.53 -11.67 1.69
N ILE A 97 4.78 -11.44 2.99
CA ILE A 97 4.18 -12.26 4.02
C ILE A 97 2.66 -12.11 4.12
N GLY A 98 2.11 -10.99 3.67
CA GLY A 98 0.69 -10.78 3.79
C GLY A 98 0.29 -10.37 5.19
N MET A 99 -1.00 -10.11 5.31
CA MET A 99 -1.63 -9.68 6.56
C MET A 99 -2.87 -10.49 6.78
N THR A 100 -3.04 -11.01 8.00
CA THR A 100 -4.28 -11.66 8.40
C THR A 100 -5.38 -10.62 8.62
N LYS A 101 -6.61 -11.11 8.79
CA LYS A 101 -7.70 -10.19 9.12
C LYS A 101 -7.34 -9.36 10.36
N ALA A 102 -6.85 -10.02 11.40
CA ALA A 102 -6.46 -9.33 12.62
C ALA A 102 -5.36 -8.32 12.37
N ASP A 103 -4.40 -8.67 11.52
CA ASP A 103 -3.34 -7.73 11.15
CA ASP A 103 -3.36 -7.70 11.18
C ASP A 103 -3.98 -6.48 10.53
N LEU A 104 -4.62 -6.61 9.36
N LEU A 104 -5.10 -6.70 9.81
CA LEU A 104 -4.97 -5.40 8.62
CA LEU A 104 -5.90 -5.65 9.19
C LEU A 104 -5.51 -4.33 9.54
C LEU A 104 -6.88 -4.99 10.17
N VAL A 105 -6.40 -4.75 10.46
N VAL A 105 -7.56 -5.79 11.00
CA VAL A 105 -6.98 -3.83 11.44
CA VAL A 105 -8.55 -5.25 11.92
C VAL A 105 -5.90 -3.14 12.27
C VAL A 105 -7.89 -4.45 13.04
N ASN A 106 -4.92 -3.94 12.72
N ASN A 106 -6.85 -5.01 13.63
CA ASN A 106 -3.88 -3.48 13.63
CA ASN A 106 -6.38 -4.54 14.91
C ASN A 106 -2.79 -2.69 12.89
C ASN A 106 -5.07 -3.78 14.82
N ASN A 107 -2.19 -3.28 11.85
N ASN A 107 -4.33 -3.91 13.73
CA ASN A 107 -1.04 -2.65 11.19
CA ASN A 107 -3.08 -3.18 13.55
C ASN A 107 -1.42 -1.31 10.57
C ASN A 107 -3.22 -2.12 12.48
N LEU A 108 -2.65 -1.22 10.05
N LEU A 108 -3.59 -2.49 11.25
CA LEU A 108 -3.01 -0.07 9.24
CA LEU A 108 -3.59 -1.50 10.18
C LEU A 108 -3.89 0.93 9.98
C LEU A 108 -4.62 -0.41 10.45
N GLY A 109 -4.71 0.49 10.91
N GLY A 109 -4.12 0.79 10.75
CA GLY A 109 -5.70 1.39 11.46
CA GLY A 109 -4.96 1.90 11.14
C GLY A 109 -5.36 1.88 12.84
C GLY A 109 -4.98 2.17 12.64
N THR A 110 -4.33 1.32 13.44
CA THR A 110 -4.22 1.48 14.88
C THR A 110 -2.77 1.68 15.32
N ILE A 111 -1.88 0.77 14.94
CA ILE A 111 -0.47 0.82 15.33
C ILE A 111 0.19 1.93 14.53
N ALA A 112 1.45 2.24 14.82
CA ALA A 112 2.10 3.37 14.20
C ALA A 112 1.51 4.69 14.67
N LYS A 113 0.73 4.67 15.75
CA LYS A 113 0.42 5.92 16.43
C LYS A 113 1.69 6.73 16.70
N SER A 114 2.77 6.05 17.14
CA SER A 114 3.99 6.74 17.53
C SER A 114 4.63 7.42 16.34
N GLY A 115 4.76 6.69 15.24
CA GLY A 115 5.36 7.26 14.06
C GLY A 115 4.56 8.42 13.49
N THR A 116 3.22 8.31 13.53
CA THR A 116 2.40 9.38 12.97
CA THR A 116 2.37 9.38 12.98
C THR A 116 2.49 10.64 13.82
N LYS A 117 2.47 10.49 15.15
CA LYS A 117 2.63 11.64 16.04
C LYS A 117 3.98 12.29 15.83
N SER A 118 5.05 11.49 15.81
CA SER A 118 6.40 12.04 15.65
C SER A 118 6.55 12.74 14.31
N PHE A 119 5.98 12.14 13.26
CA PHE A 119 6.10 12.73 11.92
C PHE A 119 5.36 14.05 11.84
N MET A 120 4.17 14.15 12.45
CA MET A 120 3.43 15.41 12.40
C MET A 120 4.18 16.51 13.13
N GLU A 121 4.80 16.17 14.25
CA GLU A 121 5.62 17.18 14.95
C GLU A 121 6.80 17.60 14.10
N ALA A 122 7.42 16.64 13.40
CA ALA A 122 8.51 16.97 12.50
C ALA A 122 8.01 17.87 11.36
N LEU A 123 6.85 17.56 10.79
CA LEU A 123 6.28 18.44 9.75
C LEU A 123 6.12 19.87 10.25
N SER A 124 5.61 20.03 11.48
CA SER A 124 5.38 21.39 11.97
C SER A 124 6.68 22.16 12.09
N ALA A 125 7.77 21.46 12.35
CA ALA A 125 9.09 22.07 12.46
C ALA A 125 9.76 22.35 11.12
N GLY A 126 9.20 21.87 10.01
CA GLY A 126 9.79 22.10 8.70
C GLY A 126 10.15 20.85 7.92
N ALA A 127 9.92 19.66 8.46
CA ALA A 127 10.36 18.46 7.78
C ALA A 127 9.79 18.37 6.38
N ASP A 128 10.58 17.83 5.47
CA ASP A 128 10.08 17.50 4.16
C ASP A 128 9.24 16.22 4.22
N VAL A 129 8.08 16.25 3.56
CA VAL A 129 7.19 15.10 3.48
C VAL A 129 7.92 13.85 3.04
N SER A 130 8.94 13.99 2.21
CA SER A 130 9.65 12.81 1.75
C SER A 130 10.38 12.05 2.85
N MET A 131 10.50 12.59 4.07
CA MET A 131 11.11 11.82 5.15
CA MET A 131 11.11 11.81 5.15
C MET A 131 10.09 10.95 5.89
N ILE A 132 8.84 10.88 5.37
CA ILE A 132 7.79 10.11 6.03
C ILE A 132 8.23 8.69 6.38
N GLY A 133 9.01 8.04 5.51
CA GLY A 133 9.43 6.67 5.76
C GLY A 133 10.38 6.52 6.93
N GLN A 134 11.10 7.58 7.29
CA GLN A 134 11.97 7.54 8.45
C GLN A 134 11.19 7.46 9.76
N PHE A 135 9.90 7.75 9.71
CA PHE A 135 9.01 7.63 10.86
C PHE A 135 8.16 6.36 10.80
N GLY A 136 8.37 5.53 9.80
CA GLY A 136 7.66 4.26 9.72
C GLY A 136 6.23 4.33 9.25
N VAL A 137 5.78 5.46 8.66
CA VAL A 137 4.39 5.62 8.27
C VAL A 137 4.29 5.97 6.79
N GLY A 138 5.30 5.55 6.01
CA GLY A 138 5.30 5.81 4.57
C GLY A 138 4.10 5.26 3.81
N PHE A 139 3.44 4.24 4.36
CA PHE A 139 2.21 3.73 3.75
C PHE A 139 1.23 4.86 3.47
N TYR A 140 1.13 5.81 4.41
CA TYR A 140 0.10 6.82 4.27
C TYR A 140 0.45 7.87 3.23
N SER A 141 1.67 7.85 2.69
CA SER A 141 2.02 8.71 1.56
C SER A 141 1.18 8.41 0.33
N LEU A 142 0.48 7.27 0.29
CA LEU A 142 -0.36 6.99 -0.86
C LEU A 142 -1.42 8.07 -1.03
N PHE A 143 -1.82 8.75 0.05
CA PHE A 143 -2.86 9.76 -0.09
C PHE A 143 -2.33 11.04 -0.74
N LEU A 144 -1.05 11.11 -1.03
CA LEU A 144 -0.56 12.19 -1.88
C LEU A 144 -1.19 12.12 -3.27
N VAL A 145 -1.41 10.91 -3.78
CA VAL A 145 -1.88 10.74 -5.15
C VAL A 145 -3.23 10.08 -5.25
N ALA A 146 -3.77 9.53 -4.15
CA ALA A 146 -5.03 8.80 -4.18
C ALA A 146 -5.98 9.33 -3.13
N ASP A 147 -7.27 9.29 -3.42
CA ASP A 147 -8.23 9.73 -2.43
C ASP A 147 -8.98 8.56 -1.80
N HIS A 148 -8.63 7.34 -2.18
CA HIS A 148 -9.30 6.14 -1.71
CA HIS A 148 -9.30 6.14 -1.71
C HIS A 148 -8.34 4.97 -1.96
N VAL A 149 -8.34 3.99 -1.06
CA VAL A 149 -7.47 2.83 -1.22
C VAL A 149 -8.17 1.57 -0.74
N GLN A 150 -7.92 0.48 -1.45
CA GLN A 150 -8.21 -0.86 -0.98
C GLN A 150 -6.90 -1.60 -0.80
N VAL A 151 -6.78 -2.31 0.32
CA VAL A 151 -5.63 -3.13 0.63
C VAL A 151 -6.13 -4.56 0.66
N ILE A 152 -5.74 -5.33 -0.33
CA ILE A 152 -6.12 -6.73 -0.46
C ILE A 152 -4.95 -7.54 0.11
N SER A 153 -5.22 -8.48 1.02
CA SER A 153 -4.08 -9.19 1.57
C SER A 153 -4.43 -10.63 1.89
N LYS A 154 -3.42 -11.49 1.75
CA LYS A 154 -3.52 -12.93 1.97
C LYS A 154 -2.26 -13.41 2.69
N HIS A 155 -2.45 -13.90 3.91
CA HIS A 155 -1.36 -14.44 4.74
C HIS A 155 -1.57 -15.95 4.77
N ASN A 156 -0.50 -16.72 4.96
N ASN A 156 -0.47 -16.70 4.78
CA ASN A 156 -0.66 -18.18 4.99
CA ASN A 156 -0.56 -18.14 4.91
C ASN A 156 -1.62 -18.65 6.08
C ASN A 156 -1.38 -18.45 6.15
N ASP A 157 -1.83 -17.85 7.13
N ASP A 157 -2.39 -19.30 5.97
CA ASP A 157 -2.60 -18.26 8.30
CA ASP A 157 -3.25 -19.82 7.02
C ASP A 157 -4.09 -17.97 8.14
C ASP A 157 -4.39 -18.87 7.47
N ASP A 158 -4.55 -17.63 6.95
CA ASP A 158 -5.85 -16.94 6.94
C ASP A 158 -6.38 -16.81 5.50
N GLU A 159 -7.62 -16.37 5.42
CA GLU A 159 -8.29 -16.12 4.16
C GLU A 159 -7.84 -14.78 3.60
N GLN A 160 -8.22 -14.52 2.36
CA GLN A 160 -7.95 -13.23 1.74
C GLN A 160 -9.00 -12.22 2.18
N TYR A 161 -8.55 -11.03 2.55
CA TYR A 161 -9.38 -9.96 3.06
C TYR A 161 -9.10 -8.66 2.33
N VAL A 162 -10.09 -7.75 2.33
CA VAL A 162 -9.93 -6.40 1.78
CA VAL A 162 -9.92 -6.41 1.77
C VAL A 162 -10.16 -5.38 2.88
N TRP A 163 -9.20 -4.48 3.05
CA TRP A 163 -9.29 -3.36 3.96
C TRP A 163 -9.48 -2.12 3.10
N GLU A 164 -10.40 -1.22 3.49
CA GLU A 164 -10.73 -0.11 2.60
C GLU A 164 -10.83 1.20 3.38
N SER A 165 -10.27 2.28 2.83
CA SER A 165 -10.21 3.58 3.50
C SER A 165 -10.40 4.73 2.52
N ASN A 166 -11.06 5.80 2.97
CA ASN A 166 -11.17 7.02 2.17
CA ASN A 166 -11.21 7.03 2.20
C ASN A 166 -10.47 8.22 2.81
N ALA A 167 -9.46 7.97 3.64
CA ALA A 167 -8.69 8.99 4.34
C ALA A 167 -9.49 9.67 5.45
N GLY A 168 -10.69 9.19 5.73
CA GLY A 168 -11.49 9.67 6.84
C GLY A 168 -11.18 8.92 8.12
N GLY A 169 -12.16 8.92 9.02
CA GLY A 169 -11.90 8.35 10.33
C GLY A 169 -12.21 6.88 10.48
N LYS A 170 -12.85 6.26 9.47
CA LYS A 170 -13.22 4.84 9.54
C LYS A 170 -12.63 4.04 8.39
N PHE A 171 -12.47 2.75 8.63
CA PHE A 171 -12.06 1.81 7.59
C PHE A 171 -12.91 0.55 7.76
N THR A 172 -13.01 -0.23 6.69
CA THR A 172 -13.72 -1.50 6.72
CA THR A 172 -13.71 -1.50 6.73
C THR A 172 -12.77 -2.65 6.41
N VAL A 173 -13.11 -3.83 6.91
CA VAL A 173 -12.43 -5.06 6.57
CA VAL A 173 -12.43 -5.06 6.55
C VAL A 173 -13.50 -6.08 6.20
N THR A 174 -13.33 -6.73 5.06
CA THR A 174 -14.31 -7.65 4.50
CA THR A 174 -14.31 -7.68 4.58
C THR A 174 -13.61 -8.87 3.93
N LEU A 175 -14.20 -10.04 4.12
CA LEU A 175 -13.73 -11.20 3.40
C LEU A 175 -13.77 -10.93 1.90
N ASP A 176 -12.67 -11.24 1.20
CA ASP A 176 -12.50 -10.89 -0.20
C ASP A 176 -13.15 -11.96 -1.06
N GLU A 177 -14.30 -11.62 -1.62
CA GLU A 177 -15.04 -12.50 -2.50
C GLU A 177 -15.17 -11.88 -3.88
N THR A 178 -14.33 -10.89 -4.20
CA THR A 178 -14.44 -10.16 -5.46
C THR A 178 -13.13 -9.88 -6.20
N ASN A 179 -11.95 -10.05 -5.60
CA ASN A 179 -10.71 -9.78 -6.31
C ASN A 179 -9.98 -11.07 -6.67
N GLU A 180 -9.06 -10.95 -7.62
CA GLU A 180 -8.23 -12.10 -7.96
CA GLU A 180 -8.19 -12.06 -7.97
C GLU A 180 -7.52 -12.62 -6.72
N ARG A 181 -7.34 -13.94 -6.68
CA ARG A 181 -6.60 -14.54 -5.58
C ARG A 181 -5.13 -14.13 -5.66
N LEU A 182 -4.57 -13.72 -4.53
CA LEU A 182 -3.16 -13.35 -4.51
C LEU A 182 -2.22 -14.52 -4.30
N GLY A 183 -2.68 -15.62 -3.73
CA GLY A 183 -1.81 -16.74 -3.39
C GLY A 183 -1.22 -16.48 -2.03
N ARG A 184 -0.44 -15.40 -1.97
CA ARG A 184 0.14 -14.88 -0.74
C ARG A 184 0.64 -13.48 -1.04
N GLY A 185 0.40 -12.53 -0.10
CA GLY A 185 0.96 -11.21 -0.24
C GLY A 185 -0.10 -10.13 -0.12
N THR A 186 0.19 -8.95 -0.67
CA THR A 186 -0.66 -7.78 -0.51
C THR A 186 -0.71 -7.02 -1.81
N MET A 187 -1.89 -6.51 -2.14
CA MET A 187 -2.05 -5.61 -3.28
C MET A 187 -2.76 -4.35 -2.82
N LEU A 188 -2.12 -3.22 -3.01
CA LEU A 188 -2.75 -1.93 -2.80
C LEU A 188 -3.42 -1.48 -4.09
N ARG A 189 -4.66 -1.03 -4.00
CA ARG A 189 -5.39 -0.48 -5.13
CA ARG A 189 -5.40 -0.49 -5.12
C ARG A 189 -5.61 0.99 -4.85
N LEU A 190 -4.86 1.84 -5.54
CA LEU A 190 -4.90 3.29 -5.34
C LEU A 190 -5.86 3.90 -6.35
N PHE A 191 -6.88 4.55 -5.85
CA PHE A 191 -7.87 5.26 -6.66
C PHE A 191 -7.35 6.68 -6.82
N LEU A 192 -6.73 6.95 -7.97
CA LEU A 192 -5.93 8.15 -8.14
C LEU A 192 -6.80 9.39 -8.23
N LYS A 193 -6.28 10.46 -7.67
CA LYS A 193 -6.86 11.79 -7.82
C LYS A 193 -6.82 12.19 -9.29
N GLU A 194 -7.74 13.08 -9.67
CA GLU A 194 -7.89 13.42 -11.09
C GLU A 194 -6.67 14.11 -11.68
N ASP A 195 -5.89 14.83 -10.88
CA ASP A 195 -4.70 15.49 -11.40
C ASP A 195 -3.44 14.65 -11.22
N GLN A 196 -3.57 13.37 -10.86
CA GLN A 196 -2.42 12.50 -10.64
C GLN A 196 -2.42 11.29 -11.56
N LEU A 197 -3.08 11.40 -12.71
CA LEU A 197 -3.17 10.25 -13.61
C LEU A 197 -1.89 9.95 -14.36
N GLU A 198 -0.86 10.80 -14.22
CA GLU A 198 0.41 10.48 -14.83
C GLU A 198 0.98 9.17 -14.29
N TYR A 199 0.58 8.76 -13.08
CA TYR A 199 1.16 7.55 -12.49
C TYR A 199 0.49 6.29 -13.02
N LEU A 200 -0.37 6.42 -14.03
CA LEU A 200 -0.83 5.28 -14.82
C LEU A 200 0.01 5.04 -16.07
N GLU A 201 0.93 5.93 -16.40
CA GLU A 201 1.68 5.86 -17.65
CA GLU A 201 1.69 5.86 -17.64
C GLU A 201 2.98 5.08 -17.48
N GLU A 202 3.25 4.18 -18.42
CA GLU A 202 4.44 3.35 -18.39
C GLU A 202 5.71 4.18 -18.24
N LYS A 203 5.87 5.21 -19.07
CA LYS A 203 7.10 5.98 -19.04
C LYS A 203 7.29 6.64 -17.67
N ARG A 204 6.23 7.22 -17.13
CA ARG A 204 6.31 7.89 -15.83
C ARG A 204 6.64 6.90 -14.71
N ILE A 205 5.95 5.75 -14.69
CA ILE A 205 6.22 4.76 -13.66
C ILE A 205 7.69 4.32 -13.72
N LYS A 206 8.17 4.00 -14.94
CA LYS A 206 9.55 3.57 -15.10
C LYS A 206 10.53 4.62 -14.57
N GLU A 207 10.29 5.90 -14.89
CA GLU A 207 11.15 6.99 -14.42
C GLU A 207 11.25 7.00 -12.92
N VAL A 208 10.10 6.89 -12.25
CA VAL A 208 10.06 6.99 -10.79
C VAL A 208 10.74 5.78 -10.16
N VAL A 209 10.45 4.58 -10.68
CA VAL A 209 11.08 3.37 -10.17
C VAL A 209 12.61 3.45 -10.31
N LYS A 210 13.10 3.82 -11.49
CA LYS A 210 14.55 3.87 -11.71
C LYS A 210 15.22 4.91 -10.83
N LYS A 211 14.55 6.04 -10.61
CA LYS A 211 15.17 7.10 -9.83
C LYS A 211 15.25 6.74 -8.36
N HIS A 212 14.18 6.18 -7.80
CA HIS A 212 14.04 6.05 -6.36
C HIS A 212 14.16 4.64 -5.82
N SER A 213 14.04 3.62 -6.66
CA SER A 213 13.97 2.24 -6.18
C SER A 213 15.03 1.37 -6.83
N GLU A 214 16.25 1.91 -7.00
CA GLU A 214 17.36 1.14 -7.58
C GLU A 214 17.79 -0.01 -6.68
N PHE A 215 17.78 0.18 -5.38
CA PHE A 215 18.35 -0.81 -4.47
C PHE A 215 17.24 -1.62 -3.80
N VAL A 216 16.67 -2.51 -4.60
CA VAL A 216 15.59 -3.40 -4.19
C VAL A 216 15.97 -4.84 -4.60
N ALA A 217 15.83 -5.78 -3.67
CA ALA A 217 16.33 -7.14 -3.79
C ALA A 217 15.41 -8.06 -4.57
N TYR A 218 14.28 -7.54 -5.03
CA TYR A 218 13.24 -8.30 -5.70
C TYR A 218 12.96 -7.65 -7.04
N PRO A 219 12.57 -8.44 -8.04
CA PRO A 219 12.19 -7.84 -9.33
C PRO A 219 10.98 -6.94 -9.14
N ILE A 220 11.05 -5.77 -9.75
CA ILE A 220 9.93 -4.83 -9.83
C ILE A 220 9.38 -4.95 -11.24
N GLN A 221 8.22 -5.59 -11.36
CA GLN A 221 7.59 -5.89 -12.64
C GLN A 221 6.56 -4.82 -12.94
N LEU A 222 6.53 -4.37 -14.19
CA LEU A 222 5.56 -3.39 -14.66
C LEU A 222 4.68 -4.08 -15.70
N VAL A 223 3.38 -4.07 -15.45
CA VAL A 223 2.41 -4.71 -16.37
C VAL A 223 1.92 -3.65 -17.31
N VAL A 224 2.16 -3.84 -18.59
CA VAL A 224 1.73 -2.85 -19.56
CA VAL A 224 1.84 -2.86 -19.64
C VAL A 224 0.82 -3.48 -20.60
N THR A 225 -0.23 -2.72 -20.93
CA THR A 225 -1.26 -3.18 -21.86
C THR A 225 -1.09 -2.44 -23.17
N LYS A 226 -0.82 -3.18 -24.25
CA LYS A 226 -0.59 -2.58 -25.56
C LYS A 226 -1.49 -3.23 -26.60
N GLU A 227 -2.02 -2.41 -27.49
CA GLU A 227 -2.83 -2.97 -28.56
C GLU A 227 -1.94 -3.63 -29.60
N VAL A 228 -2.34 -4.81 -30.05
CA VAL A 228 -1.69 -5.48 -31.17
C VAL A 228 -2.20 -4.84 -32.45
N GLU A 229 -1.31 -4.25 -33.22
CA GLU A 229 -1.68 -3.67 -34.50
C GLU A 229 -0.86 -4.33 -35.60
N LYS A 230 -1.29 -4.15 -36.84
CA LYS A 230 -0.42 -4.52 -37.97
C LYS A 230 -0.11 -3.29 -38.81
C1 EDO B . 1.88 -3.35 1.40
O1 EDO B . 2.05 -1.91 1.35
C2 EDO B . 3.25 -3.97 1.60
O2 EDO B . 3.11 -5.40 1.62
H11 EDO B . 1.22 -3.61 2.23
H12 EDO B . 1.43 -3.70 0.47
HO1 EDO B . 1.19 -1.49 1.22
H21 EDO B . 3.69 -3.63 2.54
H22 EDO B . 3.93 -3.68 0.78
HO2 EDO B . 3.97 -5.81 1.75
C1 EDO C . 1.42 -1.43 4.71
O1 EDO C . 2.42 -0.93 3.81
C2 EDO C . 2.09 -2.17 5.87
O2 EDO C . 2.67 -3.39 5.40
H11 EDO C . 0.76 -2.11 4.17
H12 EDO C . 0.83 -0.60 5.09
HO1 EDO C . 1.99 -0.47 3.07
H21 EDO C . 1.34 -2.38 6.64
H22 EDO C . 2.86 -1.53 6.31
HO2 EDO C . 3.09 -3.85 6.16
C1 EDO D . 15.28 -0.16 -10.78
O1 EDO D . 16.71 -0.14 -10.82
C2 EDO D . 14.80 -1.50 -10.26
O2 EDO D . 15.25 -1.72 -8.91
H11 EDO D . 14.92 0.65 -10.13
H12 EDO D . 14.88 0.02 -11.78
HO1 EDO D . 17.01 0.72 -11.15
H21 EDO D . 13.70 -1.53 -10.27
H22 EDO D . 15.17 -2.30 -10.90
HO2 EDO D . 14.94 -2.58 -8.61
C1 EDO E . 10.78 2.92 10.40
O1 EDO E . 10.19 3.41 11.62
C2 EDO E . 12.26 3.23 10.36
O2 EDO E . 12.57 3.95 9.17
H11 EDO E . 10.28 3.37 9.55
H12 EDO E . 10.63 1.84 10.34
HO1 EDO E . 9.25 3.20 11.63
H21 EDO E . 12.84 2.31 10.40
H22 EDO E . 12.53 3.84 11.24
HO2 EDO E . 13.51 4.16 9.15
C1 EDO F . -3.77 -21.21 1.93
O1 EDO F . -4.14 -20.51 3.12
C2 EDO F . -2.25 -21.28 1.88
O2 EDO F . -1.79 -21.29 3.24
H11 EDO F . -4.19 -22.21 1.94
H12 EDO F . -4.14 -20.68 1.05
HO1 EDO F . -5.11 -20.45 3.16
H21 EDO F . -1.93 -22.20 1.37
H22 EDO F . -1.84 -20.43 1.35
HO2 EDO F . -0.82 -21.34 3.25
C1 EDO G . -13.71 -0.99 -6.62
O1 EDO G . -14.61 -1.83 -5.88
C2 EDO G . -13.22 -1.70 -7.87
O2 EDO G . -12.31 -0.88 -8.61
H11 EDO G . -14.23 -0.08 -6.89
H12 EDO G . -12.86 -0.73 -6.00
HO1 EDO G . -14.91 -1.37 -5.09
H21 EDO G . -12.72 -2.63 -7.60
H22 EDO G . -14.07 -1.96 -8.51
HO2 EDO G . -12.01 -1.35 -9.40
C1 EDO H . 13.62 0.69 -1.27
O1 EDO H . 14.29 1.78 -1.92
C2 EDO H . 14.51 0.00 -0.26
O2 EDO H . 13.83 -1.14 0.30
H11 EDO H . 12.72 1.06 -0.76
H12 EDO H . 13.30 -0.02 -2.03
HO1 EDO H . 13.68 2.21 -2.55
H21 EDO H . 14.78 0.70 0.53
H22 EDO H . 15.44 -0.33 -0.75
HO2 EDO H . 14.41 -1.58 0.93
#